data_4IW6
#
_entry.id   4IW6
#
_cell.length_a   54.727
_cell.length_b   81.627
_cell.length_c   58.474
_cell.angle_alpha   90.00
_cell.angle_beta   109.77
_cell.angle_gamma   90.00
#
_symmetry.space_group_name_H-M   'P 1 21 1'
#
loop_
_entity.id
_entity.type
_entity.pdbx_description
1 polymer 'Estrogen receptor'
2 polymer 'Nuclear receptor coactivator 2'
3 non-polymer 4-[2-(but-3-en-1-yl)-7-(trifluoromethyl)-2H-indazol-3-yl]benzene-1,3-diol
4 water water
#
loop_
_entity_poly.entity_id
_entity_poly.type
_entity_poly.pdbx_seq_one_letter_code
_entity_poly.pdbx_strand_id
1 'polypeptide(L)'
;KNSLALSLTADQMVSALLDAEPPILYSEYDPTRPFSEASMMGLLTNLADRELVHMINWAKRVPGFVDLTLHDQVHLLECA
WLEILMIGLVWRSMEHPGKLLFAPNLLLDRNQGKCVEGMVEIFDMLLATSSRFRMMNLQGEEFVCLKSIILLNSGVYTFL
SSTLKSLEEKDHIHRVLDKITDTLIHLMAKAGLTLQQQHQRLAQLLLILSHIRHMSNKGMEHLYSMKCKNVVPLSDLLLE
MLDAHRL
;
A,B
2 'polypeptide(L)' HKILHRLLQD C,D
#
loop_
_chem_comp.id
_chem_comp.type
_chem_comp.name
_chem_comp.formula
1GU non-polymer 4-[2-(but-3-en-1-yl)-7-(trifluoromethyl)-2H-indazol-3-yl]benzene-1,3-diol 'C18 H15 F3 N2 O2'
#
# COMPACT_ATOMS: atom_id res chain seq x y z
N ASN A 2 -23.53 16.50 11.74
CA ASN A 2 -23.27 16.75 10.32
C ASN A 2 -21.96 17.50 10.12
N SER A 3 -21.09 16.94 9.31
CA SER A 3 -19.77 17.54 9.07
C SER A 3 -19.78 18.59 7.98
N LEU A 4 -19.21 19.76 8.28
CA LEU A 4 -19.08 20.84 7.31
C LEU A 4 -18.37 20.40 6.03
N ALA A 5 -17.43 19.46 6.18
CA ALA A 5 -16.62 18.99 5.06
C ALA A 5 -17.48 18.51 3.90
N LEU A 6 -18.56 17.81 4.21
CA LEU A 6 -19.40 17.25 3.17
C LEU A 6 -20.19 18.31 2.43
N SER A 7 -20.22 19.52 2.99
CA SER A 7 -20.99 20.61 2.37
C SER A 7 -20.16 21.49 1.45
N LEU A 8 -18.85 21.30 1.46
CA LEU A 8 -17.97 22.08 0.60
C LEU A 8 -18.13 21.69 -0.87
N THR A 9 -18.01 22.66 -1.75
CA THR A 9 -17.92 22.40 -3.17
C THR A 9 -16.50 21.97 -3.49
N ALA A 10 -16.31 21.41 -4.68
CA ALA A 10 -14.99 20.94 -5.08
C ALA A 10 -13.96 22.05 -4.94
N ASP A 11 -14.28 23.22 -5.50
CA ASP A 11 -13.38 24.36 -5.42
C ASP A 11 -13.07 24.75 -4.00
N GLN A 12 -14.06 24.70 -3.12
CA GLN A 12 -13.83 25.05 -1.72
C GLN A 12 -12.92 24.05 -1.07
N MET A 13 -13.02 22.79 -1.47
CA MET A 13 -12.19 21.74 -0.89
C MET A 13 -10.75 21.94 -1.30
N VAL A 14 -10.54 22.15 -2.59
CA VAL A 14 -9.21 22.44 -3.13
C VAL A 14 -8.57 23.65 -2.42
N SER A 15 -9.30 24.77 -2.32
CA SER A 15 -8.79 25.94 -1.61
C SER A 15 -8.44 25.62 -0.17
N ALA A 16 -9.32 24.92 0.52
CA ALA A 16 -9.07 24.56 1.92
C ALA A 16 -7.73 23.86 2.05
N LEU A 17 -7.53 22.84 1.23
CA LEU A 17 -6.33 22.02 1.25
C LEU A 17 -5.09 22.79 0.80
N LEU A 18 -5.23 23.62 -0.23
CA LEU A 18 -4.11 24.42 -0.66
C LEU A 18 -3.68 25.36 0.46
N ASP A 19 -4.66 25.98 1.11
CA ASP A 19 -4.39 26.95 2.17
C ASP A 19 -3.75 26.28 3.39
N ALA A 20 -4.05 25.00 3.60
CA ALA A 20 -3.54 24.25 4.75
C ALA A 20 -2.09 23.77 4.58
N GLU A 21 -1.57 23.86 3.36
CA GLU A 21 -0.23 23.31 3.09
C GLU A 21 0.77 23.85 4.09
N PRO A 22 1.57 22.97 4.67
CA PRO A 22 2.66 23.40 5.54
C PRO A 22 3.78 23.93 4.66
N PRO A 23 4.64 24.80 5.20
CA PRO A 23 5.74 25.35 4.41
C PRO A 23 6.84 24.33 4.19
N ILE A 24 7.73 24.60 3.25
CA ILE A 24 8.90 23.78 3.04
C ILE A 24 10.04 24.27 3.95
N LEU A 25 10.44 23.44 4.90
CA LEU A 25 11.42 23.82 5.92
C LEU A 25 12.84 23.60 5.42
N TYR A 26 13.80 24.27 6.06
CA TYR A 26 15.20 24.07 5.74
C TYR A 26 15.91 23.12 6.72
N SER A 27 16.98 22.50 6.24
CA SER A 27 17.91 21.78 7.10
C SER A 27 18.97 22.75 7.60
N GLU A 28 19.90 22.26 8.41
CA GLU A 28 21.03 23.08 8.89
C GLU A 28 21.80 23.71 7.72
N TYR A 29 22.39 24.87 7.96
CA TYR A 29 23.09 25.59 6.89
C TYR A 29 24.54 25.18 6.71
N ASP A 30 24.95 24.10 7.38
CA ASP A 30 26.29 23.56 7.19
C ASP A 30 26.38 22.90 5.81
N PRO A 31 27.33 23.34 4.98
CA PRO A 31 27.45 22.94 3.57
C PRO A 31 28.06 21.55 3.40
N THR A 32 28.28 20.85 4.50
CA THR A 32 28.88 19.53 4.48
C THR A 32 27.88 18.49 3.97
N ARG A 33 28.17 17.92 2.80
CA ARG A 33 27.37 16.82 2.28
C ARG A 33 27.53 15.60 3.20
N PRO A 34 26.41 15.09 3.73
CA PRO A 34 26.49 13.95 4.64
C PRO A 34 26.91 12.67 3.92
N PHE A 35 27.76 11.87 4.56
CA PHE A 35 28.15 10.59 3.97
C PHE A 35 28.27 9.48 5.01
N SER A 36 27.59 9.65 6.13
CA SER A 36 27.64 8.66 7.18
C SER A 36 26.27 8.55 7.77
N GLU A 37 26.01 7.44 8.44
CA GLU A 37 24.72 7.25 9.10
C GLU A 37 24.48 8.38 10.08
N ALA A 38 25.47 8.65 10.92
CA ALA A 38 25.35 9.68 11.94
C ALA A 38 24.90 10.99 11.31
N SER A 39 25.70 11.52 10.38
CA SER A 39 25.38 12.83 9.82
C SER A 39 24.05 12.82 9.06
N MET A 40 23.85 11.86 8.17
CA MET A 40 22.63 11.81 7.38
C MET A 40 21.37 11.69 8.24
N MET A 41 21.32 10.70 9.13
CA MET A 41 20.15 10.50 9.97
C MET A 41 19.93 11.62 11.00
N GLY A 42 21.02 12.24 11.45
CA GLY A 42 20.89 13.43 12.29
C GLY A 42 20.05 14.48 11.57
N LEU A 43 20.42 14.76 10.33
CA LEU A 43 19.70 15.76 9.53
C LEU A 43 18.24 15.35 9.22
N LEU A 44 18.04 14.08 8.91
CA LEU A 44 16.71 13.61 8.54
C LEU A 44 15.74 13.62 9.72
N THR A 45 16.23 13.28 10.91
CA THR A 45 15.33 13.19 12.07
C THR A 45 15.02 14.59 12.58
N ASN A 46 16.04 15.44 12.56
CA ASN A 46 15.85 16.84 12.94
C ASN A 46 14.80 17.50 12.05
N LEU A 47 14.94 17.32 10.75
CA LEU A 47 13.95 17.84 9.80
C LEU A 47 12.57 17.26 10.08
N ALA A 48 12.50 15.94 10.20
CA ALA A 48 11.23 15.25 10.43
C ALA A 48 10.53 15.77 11.69
N ASP A 49 11.31 15.96 12.74
N ASP A 49 11.30 15.98 12.74
CA ASP A 49 10.77 16.45 14.00
CA ASP A 49 10.73 16.45 13.99
C ASP A 49 10.06 17.79 13.82
C ASP A 49 10.04 17.80 13.81
N ARG A 50 10.70 18.70 13.10
CA ARG A 50 10.14 20.02 12.85
C ARG A 50 8.92 19.96 11.93
N GLU A 51 8.99 19.10 10.92
CA GLU A 51 7.91 18.93 9.96
C GLU A 51 6.66 18.35 10.60
N LEU A 52 6.87 17.48 11.59
CA LEU A 52 5.78 16.83 12.30
C LEU A 52 4.87 17.84 12.97
N VAL A 53 5.47 18.88 13.55
CA VAL A 53 4.70 19.93 14.22
C VAL A 53 3.79 20.66 13.22
N HIS A 54 4.31 20.93 12.01
CA HIS A 54 3.49 21.53 10.96
C HIS A 54 2.45 20.56 10.42
N MET A 55 2.81 19.28 10.39
CA MET A 55 1.89 18.26 9.91
C MET A 55 0.67 18.16 10.83
N ILE A 56 0.93 18.20 12.14
CA ILE A 56 -0.15 18.12 13.11
C ILE A 56 -1.13 19.27 12.90
N ASN A 57 -0.61 20.47 12.68
CA ASN A 57 -1.50 21.60 12.46
C ASN A 57 -2.15 21.61 11.06
N TRP A 58 -1.47 21.01 10.09
CA TRP A 58 -2.06 20.79 8.77
C TRP A 58 -3.24 19.82 8.87
N ALA A 59 -3.03 18.69 9.55
CA ALA A 59 -4.09 17.68 9.70
C ALA A 59 -5.37 18.29 10.20
N LYS A 60 -5.25 19.13 11.24
CA LYS A 60 -6.42 19.77 11.83
C LYS A 60 -7.20 20.57 10.80
N ARG A 61 -6.54 20.94 9.71
CA ARG A 61 -7.18 21.80 8.72
C ARG A 61 -7.71 21.02 7.51
N VAL A 62 -7.47 19.71 7.50
CA VAL A 62 -8.04 18.84 6.47
C VAL A 62 -9.52 18.64 6.76
N PRO A 63 -10.39 19.07 5.83
CA PRO A 63 -11.83 18.95 6.11
C PRO A 63 -12.21 17.56 6.63
N GLY A 64 -12.97 17.51 7.71
CA GLY A 64 -13.44 16.24 8.25
C GLY A 64 -12.61 15.64 9.39
N PHE A 65 -11.31 15.98 9.41
CA PHE A 65 -10.41 15.47 10.43
C PHE A 65 -10.85 16.00 11.80
N VAL A 66 -11.24 17.27 11.83
CA VAL A 66 -11.68 17.92 13.08
C VAL A 66 -12.94 17.27 13.66
N ASP A 67 -13.69 16.52 12.85
CA ASP A 67 -14.93 15.92 13.34
C ASP A 67 -14.68 14.60 14.07
N LEU A 68 -13.46 14.10 13.96
CA LEU A 68 -13.10 12.88 14.67
C LEU A 68 -12.78 13.11 16.15
N THR A 69 -13.00 12.11 16.97
CA THR A 69 -12.54 12.16 18.35
C THR A 69 -11.03 12.36 18.36
N LEU A 70 -10.50 12.90 19.43
CA LEU A 70 -9.06 13.05 19.60
C LEU A 70 -8.31 11.73 19.40
N HIS A 71 -8.81 10.65 20.02
CA HIS A 71 -8.18 9.34 19.91
C HIS A 71 -8.09 8.86 18.45
N ASP A 72 -9.11 9.14 17.66
CA ASP A 72 -9.07 8.77 16.24
C ASP A 72 -8.08 9.63 15.47
N GLN A 73 -8.05 10.92 15.77
CA GLN A 73 -7.08 11.80 15.13
C GLN A 73 -5.66 11.33 15.41
N VAL A 74 -5.43 10.91 16.64
CA VAL A 74 -4.13 10.44 17.07
C VAL A 74 -3.75 9.20 16.29
N HIS A 75 -4.67 8.25 16.21
CA HIS A 75 -4.43 7.01 15.46
C HIS A 75 -4.12 7.24 13.98
N LEU A 76 -4.88 8.12 13.33
CA LEU A 76 -4.62 8.38 11.91
C LEU A 76 -3.23 8.94 11.70
N LEU A 77 -2.84 9.86 12.57
CA LEU A 77 -1.52 10.48 12.46
C LEU A 77 -0.41 9.50 12.78
N GLU A 78 -0.62 8.68 13.81
CA GLU A 78 0.34 7.64 14.14
C GLU A 78 0.56 6.68 12.96
N CYS A 79 -0.51 6.31 12.27
CA CYS A 79 -0.38 5.39 11.14
C CYS A 79 0.29 6.01 9.92
N ALA A 80 -0.04 7.27 9.66
CA ALA A 80 0.25 7.91 8.39
C ALA A 80 1.47 8.81 8.35
N TRP A 81 2.03 9.15 9.51
CA TRP A 81 3.03 10.22 9.53
C TRP A 81 4.17 10.01 8.54
N LEU A 82 4.71 8.81 8.46
CA LEU A 82 5.85 8.58 7.58
C LEU A 82 5.43 8.61 6.10
N GLU A 83 4.27 8.03 5.79
CA GLU A 83 3.72 8.11 4.44
C GLU A 83 3.59 9.56 4.00
N ILE A 84 3.12 10.39 4.92
CA ILE A 84 2.91 11.81 4.65
C ILE A 84 4.24 12.54 4.47
N LEU A 85 5.22 12.24 5.31
CA LEU A 85 6.54 12.86 5.13
C LEU A 85 7.10 12.43 3.79
N MET A 86 7.01 11.14 3.50
CA MET A 86 7.52 10.58 2.26
C MET A 86 6.87 11.12 0.99
N ILE A 87 5.55 11.25 0.98
CA ILE A 87 4.90 11.78 -0.22
C ILE A 87 5.29 13.26 -0.42
N GLY A 88 5.46 14.01 0.67
CA GLY A 88 5.97 15.37 0.61
C GLY A 88 7.35 15.44 -0.03
N LEU A 89 8.25 14.56 0.42
CA LEU A 89 9.60 14.49 -0.10
C LEU A 89 9.59 14.21 -1.60
N VAL A 90 8.79 13.22 -2.00
CA VAL A 90 8.66 12.84 -3.40
C VAL A 90 8.15 14.01 -4.24
N TRP A 91 7.09 14.65 -3.76
CA TRP A 91 6.57 15.86 -4.41
C TRP A 91 7.68 16.93 -4.61
N ARG A 92 8.38 17.27 -3.52
CA ARG A 92 9.43 18.30 -3.59
C ARG A 92 10.56 17.94 -4.56
N SER A 93 10.76 16.65 -4.78
CA SER A 93 11.88 16.13 -5.55
C SER A 93 11.57 15.98 -7.05
N MET A 94 10.32 16.22 -7.42
CA MET A 94 9.90 15.98 -8.80
C MET A 94 10.77 16.66 -9.83
N GLU A 95 11.10 17.91 -9.56
CA GLU A 95 11.81 18.73 -10.53
C GLU A 95 13.32 18.51 -10.46
N HIS A 96 13.74 17.50 -9.68
CA HIS A 96 15.16 17.18 -9.55
C HIS A 96 15.43 15.71 -9.76
N PRO A 97 15.31 15.25 -11.02
CA PRO A 97 15.52 13.82 -11.33
C PRO A 97 16.80 13.27 -10.71
N GLY A 98 16.71 12.09 -10.11
CA GLY A 98 17.87 11.43 -9.54
C GLY A 98 18.24 11.96 -8.15
N LYS A 99 17.53 12.99 -7.70
CA LYS A 99 17.83 13.65 -6.42
C LYS A 99 16.62 13.62 -5.50
N LEU A 100 16.88 13.55 -4.20
CA LEU A 100 15.80 13.69 -3.23
C LEU A 100 15.98 15.02 -2.51
N LEU A 101 15.00 15.90 -2.67
CA LEU A 101 15.07 17.22 -2.08
C LEU A 101 14.46 17.22 -0.69
N PHE A 102 15.24 16.77 0.29
CA PHE A 102 14.76 16.73 1.66
C PHE A 102 14.43 18.15 2.11
N ALA A 103 15.27 19.10 1.68
CA ALA A 103 15.05 20.53 1.90
C ALA A 103 15.75 21.27 0.80
N PRO A 104 15.43 22.55 0.59
CA PRO A 104 16.05 23.28 -0.51
C PRO A 104 17.58 23.31 -0.37
N ASN A 105 18.06 23.23 0.86
CA ASN A 105 19.51 23.19 1.09
C ASN A 105 19.99 21.80 1.46
N LEU A 106 19.22 20.78 1.08
CA LEU A 106 19.60 19.41 1.37
C LEU A 106 19.07 18.48 0.29
N LEU A 107 19.86 18.31 -0.77
CA LEU A 107 19.59 17.37 -1.83
C LEU A 107 20.51 16.16 -1.67
N LEU A 108 19.92 15.00 -1.54
CA LEU A 108 20.71 13.79 -1.42
C LEU A 108 20.55 12.94 -2.66
N ASP A 109 21.58 12.17 -3.02
CA ASP A 109 21.45 11.21 -4.11
C ASP A 109 21.67 9.79 -3.61
N ARG A 110 21.53 8.81 -4.50
CA ARG A 110 21.62 7.43 -4.09
C ARG A 110 23.04 7.05 -3.67
N ASN A 111 24.03 7.82 -4.12
CA ASN A 111 25.41 7.56 -3.72
C ASN A 111 25.60 7.86 -2.24
N GLN A 112 24.76 8.75 -1.71
CA GLN A 112 24.79 9.04 -0.27
C GLN A 112 23.97 8.02 0.50
N GLY A 113 22.84 7.64 -0.07
CA GLY A 113 22.03 6.57 0.50
C GLY A 113 22.86 5.33 0.76
N LYS A 114 23.72 4.98 -0.20
CA LYS A 114 24.43 3.71 -0.11
C LYS A 114 25.55 3.68 0.93
N CYS A 115 25.84 4.82 1.54
CA CYS A 115 26.80 4.86 2.64
CA CYS A 115 26.80 4.86 2.64
C CYS A 115 26.07 4.63 3.95
N VAL A 116 24.89 4.02 3.86
CA VAL A 116 24.09 3.66 5.02
C VAL A 116 23.29 2.39 4.75
N GLU A 117 23.75 1.29 5.35
CA GLU A 117 23.12 -0.01 5.18
C GLU A 117 21.59 0.07 5.18
N GLY A 118 20.96 -0.48 4.16
CA GLY A 118 19.51 -0.58 4.09
C GLY A 118 18.82 0.67 3.58
N MET A 119 19.60 1.72 3.34
CA MET A 119 19.02 3.00 2.94
C MET A 119 18.79 3.12 1.43
N VAL A 120 19.76 2.72 0.63
CA VAL A 120 19.64 2.90 -0.83
C VAL A 120 18.37 2.30 -1.41
N GLU A 121 17.95 1.14 -0.91
CA GLU A 121 16.75 0.49 -1.41
C GLU A 121 15.54 1.41 -1.25
N ILE A 122 15.46 2.06 -0.10
CA ILE A 122 14.40 3.02 0.16
C ILE A 122 14.57 4.30 -0.67
N PHE A 123 15.80 4.80 -0.77
CA PHE A 123 16.07 5.94 -1.62
C PHE A 123 15.61 5.63 -3.05
N ASP A 124 16.01 4.47 -3.56
CA ASP A 124 15.68 4.11 -4.94
C ASP A 124 14.17 4.06 -5.18
N MET A 125 13.43 3.59 -4.18
CA MET A 125 11.96 3.58 -4.28
C MET A 125 11.40 4.99 -4.31
N LEU A 126 11.95 5.87 -3.48
CA LEU A 126 11.50 7.25 -3.44
C LEU A 126 11.77 7.92 -4.77
N LEU A 127 12.97 7.72 -5.29
CA LEU A 127 13.34 8.29 -6.56
C LEU A 127 12.40 7.82 -7.67
N ALA A 128 12.11 6.53 -7.71
CA ALA A 128 11.22 6.01 -8.74
C ALA A 128 9.82 6.62 -8.62
N THR A 129 9.37 6.83 -7.39
CA THR A 129 8.06 7.45 -7.15
C THR A 129 8.08 8.89 -7.64
N SER A 130 9.16 9.58 -7.35
CA SER A 130 9.31 10.95 -7.82
C SER A 130 9.25 11.00 -9.34
N SER A 131 9.96 10.08 -9.99
CA SER A 131 9.99 10.00 -11.45
CA SER A 131 9.98 10.02 -11.45
C SER A 131 8.58 9.75 -12.00
N ARG A 132 7.84 8.87 -11.34
CA ARG A 132 6.48 8.55 -11.73
C ARG A 132 5.63 9.83 -11.69
N PHE A 133 5.70 10.54 -10.57
CA PHE A 133 5.00 11.81 -10.43
C PHE A 133 5.35 12.73 -11.58
N ARG A 134 6.64 12.86 -11.85
CA ARG A 134 7.07 13.76 -12.92
C ARG A 134 6.46 13.35 -14.26
N MET A 135 6.58 12.08 -14.60
CA MET A 135 6.07 11.64 -15.91
C MET A 135 4.55 11.71 -16.01
N MET A 136 3.87 11.72 -14.88
CA MET A 136 2.41 11.90 -14.85
C MET A 136 2.03 13.38 -14.84
N ASN A 137 3.02 14.25 -14.76
CA ASN A 137 2.76 15.69 -14.67
C ASN A 137 1.79 15.96 -13.53
N LEU A 138 2.07 15.37 -12.37
CA LEU A 138 1.21 15.55 -11.20
C LEU A 138 1.10 17.00 -10.84
N GLN A 139 -0.12 17.45 -10.52
CA GLN A 139 -0.34 18.85 -10.17
C GLN A 139 -0.46 19.04 -8.66
N GLY A 140 -0.11 20.24 -8.19
CA GLY A 140 -0.18 20.56 -6.76
C GLY A 140 -1.57 20.28 -6.18
N GLU A 141 -2.62 20.65 -6.91
CA GLU A 141 -3.98 20.41 -6.45
C GLU A 141 -4.25 18.92 -6.27
N GLU A 142 -3.65 18.11 -7.12
CA GLU A 142 -3.81 16.66 -7.06
C GLU A 142 -3.01 16.12 -5.89
N PHE A 143 -1.78 16.59 -5.77
CA PHE A 143 -0.95 16.25 -4.63
C PHE A 143 -1.65 16.43 -3.26
N VAL A 144 -2.23 17.60 -3.04
CA VAL A 144 -2.87 17.86 -1.73
C VAL A 144 -4.07 16.93 -1.47
N CYS A 145 -4.78 16.56 -2.52
CA CYS A 145 -5.84 15.57 -2.38
C CYS A 145 -5.26 14.20 -1.96
N LEU A 146 -4.20 13.76 -2.62
CA LEU A 146 -3.60 12.47 -2.30
C LEU A 146 -3.13 12.42 -0.85
N LYS A 147 -2.48 13.51 -0.43
CA LYS A 147 -1.94 13.58 0.92
C LYS A 147 -3.07 13.46 1.95
N SER A 148 -4.19 14.15 1.70
CA SER A 148 -5.35 14.06 2.59
C SER A 148 -5.94 12.64 2.58
N ILE A 149 -5.91 12.00 1.43
CA ILE A 149 -6.43 10.64 1.32
C ILE A 149 -5.59 9.72 2.22
N ILE A 150 -4.27 9.87 2.15
CA ILE A 150 -3.37 9.08 3.00
C ILE A 150 -3.70 9.27 4.48
N LEU A 151 -3.91 10.53 4.89
CA LEU A 151 -4.20 10.82 6.28
C LEU A 151 -5.43 10.05 6.74
N LEU A 152 -6.48 10.09 5.92
CA LEU A 152 -7.79 9.59 6.34
C LEU A 152 -7.91 8.09 6.13
N ASN A 153 -7.17 7.55 5.16
CA ASN A 153 -7.31 6.16 4.77
C ASN A 153 -6.38 5.20 5.52
N SER A 154 -5.16 5.63 5.80
CA SER A 154 -4.16 4.67 6.24
C SER A 154 -4.51 3.96 7.55
N GLY A 155 -5.18 4.66 8.47
CA GLY A 155 -5.53 4.03 9.72
C GLY A 155 -7.00 3.66 9.85
N VAL A 156 -7.77 3.92 8.80
CA VAL A 156 -9.23 3.80 8.84
C VAL A 156 -9.79 2.44 9.30
N TYR A 157 -9.04 1.37 9.09
CA TYR A 157 -9.52 0.07 9.57
C TYR A 157 -9.02 -0.15 10.99
N THR A 158 -7.71 -0.24 11.12
CA THR A 158 -7.07 -0.49 12.40
C THR A 158 -7.57 0.46 13.49
N ASP A 171 -17.95 5.51 8.99
CA ASP A 171 -18.78 5.99 7.89
C ASP A 171 -18.39 7.41 7.50
N HIS A 172 -18.18 8.26 8.48
CA HIS A 172 -17.72 9.62 8.25
C HIS A 172 -16.48 9.67 7.36
N ILE A 173 -15.43 8.97 7.77
CA ILE A 173 -14.18 8.97 7.01
C ILE A 173 -14.41 8.59 5.55
N HIS A 174 -15.20 7.53 5.35
CA HIS A 174 -15.51 7.02 4.02
C HIS A 174 -16.28 8.05 3.18
N ARG A 175 -17.25 8.73 3.79
CA ARG A 175 -17.95 9.81 3.11
C ARG A 175 -17.01 10.97 2.78
N VAL A 176 -16.04 11.24 3.65
CA VAL A 176 -15.09 12.29 3.35
C VAL A 176 -14.13 11.87 2.25
N LEU A 177 -13.73 10.60 2.28
CA LEU A 177 -12.89 10.03 1.21
C LEU A 177 -13.60 10.11 -0.16
N ASP A 178 -14.90 9.84 -0.19
CA ASP A 178 -15.65 9.98 -1.44
C ASP A 178 -15.61 11.41 -1.97
N LYS A 179 -15.77 12.35 -1.05
CA LYS A 179 -15.72 13.78 -1.39
C LYS A 179 -14.37 14.14 -2.01
N ILE A 180 -13.30 13.55 -1.52
CA ILE A 180 -11.98 13.84 -2.08
C ILE A 180 -11.85 13.24 -3.49
N THR A 181 -12.37 12.04 -3.67
CA THR A 181 -12.49 11.47 -5.01
C THR A 181 -13.22 12.44 -5.96
N ASP A 182 -14.39 12.91 -5.53
CA ASP A 182 -15.17 13.85 -6.31
C ASP A 182 -14.27 15.02 -6.71
N THR A 183 -13.43 15.44 -5.77
CA THR A 183 -12.57 16.60 -5.94
C THR A 183 -11.44 16.35 -6.95
N LEU A 184 -10.81 15.17 -6.88
CA LEU A 184 -9.82 14.76 -7.86
C LEU A 184 -10.38 14.69 -9.29
N ILE A 185 -11.57 14.12 -9.45
CA ILE A 185 -12.23 14.08 -10.74
C ILE A 185 -12.53 15.49 -11.27
N HIS A 186 -13.09 16.35 -10.40
CA HIS A 186 -13.37 17.75 -10.75
C HIS A 186 -12.10 18.44 -11.27
N LEU A 187 -10.98 18.23 -10.58
CA LEU A 187 -9.70 18.80 -11.02
C LEU A 187 -9.32 18.33 -12.43
N MET A 188 -9.47 17.04 -12.67
CA MET A 188 -9.10 16.47 -13.95
C MET A 188 -10.05 16.90 -15.05
N ALA A 189 -11.34 16.98 -14.74
CA ALA A 189 -12.30 17.49 -15.72
C ALA A 189 -11.99 18.96 -16.04
N LYS A 190 -11.63 19.71 -15.00
CA LYS A 190 -11.30 21.12 -15.18
C LYS A 190 -10.08 21.26 -16.09
N ALA A 191 -9.16 20.30 -15.99
CA ALA A 191 -7.93 20.31 -16.79
C ALA A 191 -8.14 19.78 -18.21
N GLY A 192 -9.38 19.45 -18.55
CA GLY A 192 -9.72 19.08 -19.92
C GLY A 192 -9.65 17.59 -20.27
N LEU A 193 -9.36 16.75 -19.28
CA LEU A 193 -9.27 15.31 -19.53
C LEU A 193 -10.62 14.74 -19.96
N THR A 194 -10.58 13.78 -20.90
CA THR A 194 -11.78 13.05 -21.31
C THR A 194 -12.21 12.18 -20.15
N LEU A 195 -13.42 11.64 -20.25
CA LEU A 195 -13.97 10.78 -19.20
C LEU A 195 -13.08 9.56 -18.99
N GLN A 196 -12.61 8.93 -20.05
CA GLN A 196 -11.72 7.77 -19.89
C GLN A 196 -10.41 8.18 -19.20
N GLN A 197 -9.83 9.29 -19.67
CA GLN A 197 -8.59 9.79 -19.08
C GLN A 197 -8.75 10.07 -17.59
N GLN A 198 -9.93 10.54 -17.20
CA GLN A 198 -10.20 10.81 -15.79
C GLN A 198 -10.14 9.54 -14.92
N HIS A 199 -10.83 8.46 -15.31
CA HIS A 199 -10.79 7.27 -14.44
C HIS A 199 -9.43 6.56 -14.48
N GLN A 200 -8.82 6.52 -15.66
CA GLN A 200 -7.47 6.00 -15.76
C GLN A 200 -6.50 6.76 -14.84
N ARG A 201 -6.53 8.09 -14.88
CA ARG A 201 -5.65 8.90 -14.04
C ARG A 201 -5.94 8.74 -12.54
N LEU A 202 -7.21 8.71 -12.17
CA LEU A 202 -7.60 8.46 -10.78
C LEU A 202 -6.99 7.14 -10.27
N ALA A 203 -7.11 6.09 -11.09
CA ALA A 203 -6.58 4.79 -10.71
C ALA A 203 -5.05 4.86 -10.57
N GLN A 204 -4.40 5.52 -11.52
CA GLN A 204 -2.95 5.63 -11.52
C GLN A 204 -2.48 6.31 -10.22
N LEU A 205 -3.11 7.42 -9.87
CA LEU A 205 -2.74 8.14 -8.66
C LEU A 205 -2.95 7.29 -7.43
N LEU A 206 -4.09 6.63 -7.36
CA LEU A 206 -4.43 5.87 -6.17
C LEU A 206 -3.57 4.59 -6.00
N LEU A 207 -3.13 4.00 -7.12
CA LEU A 207 -2.26 2.83 -7.02
C LEU A 207 -0.88 3.20 -6.49
N ILE A 208 -0.44 4.41 -6.76
CA ILE A 208 0.82 4.90 -6.21
C ILE A 208 0.78 4.93 -4.67
N LEU A 209 -0.40 5.12 -4.08
CA LEU A 209 -0.56 5.09 -2.62
C LEU A 209 -0.17 3.74 -2.02
N SER A 210 -0.36 2.66 -2.78
CA SER A 210 0.09 1.35 -2.37
CA SER A 210 0.08 1.37 -2.32
C SER A 210 1.61 1.34 -2.19
N HIS A 211 2.31 1.99 -3.11
CA HIS A 211 3.77 2.02 -3.06
CA HIS A 211 3.78 2.04 -3.07
C HIS A 211 4.25 2.94 -1.94
N ILE A 212 3.51 4.01 -1.70
CA ILE A 212 3.84 4.92 -0.62
C ILE A 212 3.71 4.18 0.70
N ARG A 213 2.64 3.41 0.87
CA ARG A 213 2.49 2.55 2.03
C ARG A 213 3.69 1.60 2.18
N HIS A 214 4.11 1.00 1.08
CA HIS A 214 5.21 0.05 1.11
C HIS A 214 6.50 0.72 1.62
N MET A 215 6.79 1.90 1.12
CA MET A 215 8.00 2.60 1.51
C MET A 215 7.96 3.01 2.98
N SER A 216 6.78 3.43 3.44
CA SER A 216 6.60 3.78 4.85
C SER A 216 6.86 2.55 5.72
N ASN A 217 6.31 1.41 5.32
CA ASN A 217 6.49 0.19 6.09
C ASN A 217 7.95 -0.21 6.15
N LYS A 218 8.64 -0.15 5.01
CA LYS A 218 10.05 -0.50 4.99
C LYS A 218 10.87 0.52 5.76
N GLY A 219 10.49 1.78 5.62
CA GLY A 219 11.16 2.85 6.37
C GLY A 219 10.98 2.62 7.86
N MET A 220 9.74 2.33 8.25
CA MET A 220 9.47 2.10 9.65
C MET A 220 10.38 1.01 10.23
N GLU A 221 10.59 -0.09 9.48
CA GLU A 221 11.46 -1.17 9.89
CA GLU A 221 11.46 -1.15 9.96
C GLU A 221 12.90 -0.66 10.08
N HIS A 222 13.33 0.18 9.15
CA HIS A 222 14.70 0.67 9.17
C HIS A 222 14.88 1.53 10.42
N LEU A 223 13.88 2.35 10.72
CA LEU A 223 13.96 3.26 11.85
C LEU A 223 13.92 2.52 13.18
N TYR A 224 13.18 1.42 13.22
CA TYR A 224 13.16 0.59 14.42
C TYR A 224 14.56 0.06 14.68
N SER A 225 15.21 -0.42 13.63
CA SER A 225 16.58 -0.90 13.74
C SER A 225 17.50 0.22 14.22
N MET A 226 17.32 1.41 13.66
CA MET A 226 18.14 2.56 14.04
C MET A 226 17.87 2.97 15.49
N LYS A 227 16.61 2.93 15.89
CA LYS A 227 16.25 3.23 17.28
C LYS A 227 17.00 2.32 18.25
N CYS A 228 17.02 1.02 17.95
CA CYS A 228 17.70 0.06 18.80
C CYS A 228 19.21 0.31 18.86
N LYS A 229 19.83 0.55 17.71
CA LYS A 229 21.24 0.86 17.66
C LYS A 229 21.54 2.05 18.59
N ASN A 230 20.53 2.89 18.80
CA ASN A 230 20.60 4.00 19.76
C ASN A 230 21.83 4.90 19.63
N VAL A 231 22.24 5.18 18.40
CA VAL A 231 23.31 6.14 18.16
C VAL A 231 22.70 7.46 17.68
N VAL A 232 21.83 7.37 16.69
CA VAL A 232 21.15 8.56 16.20
C VAL A 232 20.20 9.10 17.27
N PRO A 233 20.30 10.39 17.56
CA PRO A 233 19.40 11.00 18.54
C PRO A 233 17.98 11.06 18.00
N LEU A 234 17.02 10.65 18.80
CA LEU A 234 15.61 10.70 18.41
C LEU A 234 14.79 11.47 19.45
N SER A 235 14.00 12.43 18.99
CA SER A 235 13.13 13.17 19.88
C SER A 235 12.11 12.24 20.51
N ASP A 236 11.55 12.66 21.64
CA ASP A 236 10.50 11.90 22.29
C ASP A 236 9.28 11.76 21.42
N LEU A 237 8.97 12.79 20.64
CA LEU A 237 7.82 12.71 19.74
C LEU A 237 8.06 11.68 18.63
N LEU A 238 9.26 11.67 18.07
CA LEU A 238 9.54 10.67 17.03
C LEU A 238 9.50 9.27 17.64
N LEU A 239 10.06 9.13 18.84
CA LEU A 239 9.99 7.86 19.54
C LEU A 239 8.55 7.37 19.71
N GLU A 240 7.67 8.26 20.14
CA GLU A 240 6.26 7.87 20.30
C GLU A 240 5.62 7.53 18.96
N MET A 241 5.90 8.31 17.92
CA MET A 241 5.34 8.06 16.60
C MET A 241 5.81 6.70 16.08
N LEU A 242 7.09 6.42 16.31
CA LEU A 242 7.70 5.16 15.93
C LEU A 242 7.11 4.01 16.74
N ASP A 243 7.00 4.20 18.06
CA ASP A 243 6.42 3.20 18.94
C ASP A 243 5.03 2.73 18.54
N ALA A 244 4.25 3.65 18.00
CA ALA A 244 2.87 3.35 17.62
C ALA A 244 2.83 2.20 16.61
N HIS A 245 3.93 1.99 15.91
CA HIS A 245 4.00 0.95 14.89
C HIS A 245 4.52 -0.39 15.39
N ARG A 246 4.76 -0.51 16.69
CA ARG A 246 5.27 -1.77 17.23
C ARG A 246 4.95 -1.93 18.71
N HIS B 1 -0.87 10.89 28.18
CA HIS B 1 0.58 10.95 28.35
C HIS B 1 1.32 11.02 27.01
N LYS B 2 0.60 10.83 25.91
CA LYS B 2 1.22 10.98 24.59
C LYS B 2 1.39 12.45 24.22
N ILE B 3 2.53 12.78 23.64
CA ILE B 3 2.79 14.13 23.18
C ILE B 3 1.77 14.57 22.15
N LEU B 4 1.39 13.64 21.30
CA LEU B 4 0.45 13.91 20.23
C LEU B 4 -0.91 14.33 20.78
N HIS B 5 -1.33 13.69 21.87
CA HIS B 5 -2.55 14.08 22.57
C HIS B 5 -2.52 15.56 22.92
N ARG B 6 -1.37 16.04 23.39
CA ARG B 6 -1.24 17.45 23.74
C ARG B 6 -1.27 18.35 22.51
N LEU B 7 -0.46 18.00 21.51
CA LEU B 7 -0.29 18.82 20.33
C LEU B 7 -1.56 19.00 19.54
N LEU B 8 -2.36 17.94 19.49
CA LEU B 8 -3.61 17.95 18.74
C LEU B 8 -4.66 18.87 19.36
N GLN B 9 -4.49 19.19 20.65
CA GLN B 9 -5.42 20.08 21.35
C GLN B 9 -5.16 21.57 21.07
N ASP B 10 -3.88 21.91 20.96
CA ASP B 10 -3.46 23.31 20.81
C ASP B 10 -3.11 23.68 19.36
N SER C 3 0.88 -7.28 -28.39
CA SER C 3 0.32 -7.98 -27.25
C SER C 3 -1.16 -8.29 -27.46
N LEU C 4 -1.62 -9.40 -26.91
CA LEU C 4 -3.02 -9.80 -27.02
C LEU C 4 -3.84 -9.17 -25.91
N ALA C 5 -3.18 -8.91 -24.78
CA ALA C 5 -3.83 -8.32 -23.62
C ALA C 5 -4.47 -6.97 -23.94
N LEU C 6 -3.79 -6.21 -24.78
CA LEU C 6 -4.24 -4.85 -25.10
C LEU C 6 -5.48 -4.82 -25.98
N SER C 7 -5.76 -5.95 -26.64
CA SER C 7 -6.85 -6.00 -27.60
C SER C 7 -8.14 -6.59 -27.03
N LEU C 8 -8.10 -6.95 -25.76
CA LEU C 8 -9.28 -7.54 -25.10
C LEU C 8 -10.36 -6.52 -24.80
N THR C 9 -11.61 -6.91 -25.05
CA THR C 9 -12.74 -6.13 -24.58
C THR C 9 -12.92 -6.37 -23.09
N ALA C 10 -13.59 -5.46 -22.41
CA ALA C 10 -13.79 -5.55 -20.97
C ALA C 10 -14.39 -6.89 -20.63
N ASP C 11 -15.42 -7.29 -21.38
CA ASP C 11 -16.11 -8.53 -21.12
C ASP C 11 -15.18 -9.73 -21.32
N GLN C 12 -14.31 -9.63 -22.33
CA GLN C 12 -13.32 -10.69 -22.56
C GLN C 12 -12.28 -10.74 -21.46
N MET C 13 -11.84 -9.57 -21.00
CA MET C 13 -10.92 -9.51 -19.87
C MET C 13 -11.51 -10.21 -18.64
N VAL C 14 -12.77 -9.88 -18.32
CA VAL C 14 -13.44 -10.48 -17.17
C VAL C 14 -13.55 -12.00 -17.32
N SER C 15 -14.00 -12.46 -18.49
CA SER C 15 -14.12 -13.89 -18.71
C SER C 15 -12.79 -14.58 -18.49
N ALA C 16 -11.74 -14.01 -19.08
CA ALA C 16 -10.41 -14.59 -18.99
C ALA C 16 -9.95 -14.71 -17.54
N LEU C 17 -10.25 -13.71 -16.73
CA LEU C 17 -9.82 -13.70 -15.33
C LEU C 17 -10.59 -14.71 -14.50
N LEU C 18 -11.90 -14.76 -14.71
CA LEU C 18 -12.76 -15.71 -14.03
C LEU C 18 -12.34 -17.14 -14.36
N ASP C 19 -12.10 -17.42 -15.63
CA ASP C 19 -11.70 -18.76 -16.04
CA ASP C 19 -11.71 -18.77 -16.04
C ASP C 19 -10.35 -19.15 -15.44
N ALA C 20 -9.53 -18.13 -15.16
CA ALA C 20 -8.18 -18.36 -14.63
C ALA C 20 -8.15 -18.53 -13.12
N GLU C 21 -9.29 -18.38 -12.45
CA GLU C 21 -9.30 -18.50 -10.99
C GLU C 21 -8.70 -19.82 -10.53
N PRO C 22 -7.85 -19.77 -9.50
CA PRO C 22 -7.33 -20.99 -8.91
C PRO C 22 -8.42 -21.65 -8.09
N PRO C 23 -8.25 -22.94 -7.76
CA PRO C 23 -9.19 -23.69 -6.92
C PRO C 23 -9.05 -23.33 -5.47
N ILE C 24 -10.06 -23.67 -4.69
CA ILE C 24 -9.98 -23.50 -3.26
C ILE C 24 -9.47 -24.81 -2.68
N LEU C 25 -8.36 -24.75 -1.96
CA LEU C 25 -7.71 -25.94 -1.42
C LEU C 25 -8.16 -26.25 0.02
N TYR C 26 -8.01 -27.51 0.42
CA TYR C 26 -8.29 -27.89 1.80
C TYR C 26 -7.03 -27.88 2.62
N SER C 27 -7.17 -27.71 3.94
CA SER C 27 -6.05 -27.80 4.84
C SER C 27 -6.01 -29.22 5.40
N GLU C 28 -5.10 -29.46 6.34
CA GLU C 28 -5.05 -30.76 7.01
C GLU C 28 -5.64 -30.69 8.41
N TYR C 29 -6.37 -29.62 8.68
CA TYR C 29 -7.00 -29.48 10.00
C TYR C 29 -7.86 -30.70 10.37
N ASP C 30 -7.76 -31.09 11.63
CA ASP C 30 -8.48 -32.22 12.19
C ASP C 30 -8.96 -31.78 13.58
N PRO C 31 -10.27 -31.59 13.76
CA PRO C 31 -10.81 -31.11 15.03
C PRO C 31 -10.61 -32.08 16.18
N THR C 32 -10.27 -33.33 15.86
CA THR C 32 -10.09 -34.33 16.89
C THR C 32 -8.67 -34.32 17.43
N ARG C 33 -7.78 -33.71 16.66
CA ARG C 33 -6.37 -33.67 17.01
C ARG C 33 -6.07 -32.38 17.78
N PRO C 34 -5.24 -32.48 18.82
CA PRO C 34 -4.76 -31.28 19.53
C PRO C 34 -3.84 -30.50 18.61
N PHE C 35 -3.93 -29.17 18.64
CA PHE C 35 -2.95 -28.36 17.93
C PHE C 35 -2.26 -27.38 18.87
N SER C 36 -1.02 -27.04 18.54
CA SER C 36 -0.29 -26.02 19.27
C SER C 36 -0.23 -24.79 18.40
N GLU C 37 0.37 -23.72 18.89
CA GLU C 37 0.56 -22.51 18.08
C GLU C 37 1.39 -22.90 16.87
N ALA C 38 2.36 -23.79 17.09
CA ALA C 38 3.22 -24.26 16.02
C ALA C 38 2.47 -25.06 14.96
N SER C 39 1.69 -26.06 15.39
CA SER C 39 0.95 -26.91 14.46
CA SER C 39 0.96 -26.91 14.45
C SER C 39 -0.10 -26.13 13.70
N MET C 40 -0.80 -25.24 14.40
CA MET C 40 -1.84 -24.45 13.78
C MET C 40 -1.22 -23.58 12.68
N MET C 41 -0.02 -23.08 12.95
CA MET C 41 0.72 -22.29 11.95
C MET C 41 1.22 -23.14 10.79
N GLY C 42 1.66 -24.36 11.08
CA GLY C 42 2.07 -25.29 10.04
C GLY C 42 0.95 -25.55 9.05
N LEU C 43 -0.29 -25.54 9.54
CA LEU C 43 -1.45 -25.67 8.66
C LEU C 43 -1.54 -24.52 7.65
N LEU C 44 -1.28 -23.31 8.13
CA LEU C 44 -1.35 -22.14 7.27
C LEU C 44 -0.21 -22.09 6.25
N THR C 45 0.97 -22.50 6.68
CA THR C 45 2.15 -22.50 5.82
C THR C 45 2.09 -23.66 4.81
N ASN C 46 1.71 -24.85 5.27
CA ASN C 46 1.48 -25.96 4.36
C ASN C 46 0.46 -25.57 3.27
N LEU C 47 -0.63 -24.95 3.69
CA LEU C 47 -1.67 -24.51 2.78
C LEU C 47 -1.16 -23.46 1.80
N ALA C 48 -0.43 -22.47 2.31
CA ALA C 48 0.07 -21.39 1.47
C ALA C 48 1.01 -21.96 0.41
N ASP C 49 1.82 -22.92 0.80
CA ASP C 49 2.76 -23.54 -0.13
C ASP C 49 2.06 -24.21 -1.33
N ARG C 50 1.01 -24.98 -1.05
CA ARG C 50 0.25 -25.63 -2.12
C ARG C 50 -0.47 -24.57 -2.96
N GLU C 51 -0.99 -23.53 -2.32
CA GLU C 51 -1.62 -22.43 -3.02
C GLU C 51 -0.69 -21.71 -3.99
N LEU C 52 0.58 -21.58 -3.61
CA LEU C 52 1.55 -20.90 -4.47
C LEU C 52 1.65 -21.52 -5.87
N VAL C 53 1.65 -22.84 -5.93
CA VAL C 53 1.77 -23.52 -7.21
C VAL C 53 0.62 -23.12 -8.12
N HIS C 54 -0.58 -23.04 -7.55
CA HIS C 54 -1.74 -22.63 -8.32
C HIS C 54 -1.68 -21.16 -8.70
N MET C 55 -1.14 -20.34 -7.80
CA MET C 55 -1.00 -18.92 -8.07
C MET C 55 -0.07 -18.68 -9.27
N ILE C 56 1.03 -19.41 -9.29
CA ILE C 56 2.00 -19.26 -10.35
C ILE C 56 1.36 -19.56 -11.68
N ASN C 57 0.57 -20.63 -11.70
CA ASN C 57 -0.10 -21.01 -12.93
CA ASN C 57 -0.14 -21.05 -12.90
C ASN C 57 -1.26 -20.07 -13.25
N TRP C 58 -1.86 -19.48 -12.21
CA TRP C 58 -2.88 -18.46 -12.40
C TRP C 58 -2.29 -17.19 -13.05
N ALA C 59 -1.11 -16.79 -12.59
CA ALA C 59 -0.46 -15.57 -13.04
C ALA C 59 -0.20 -15.60 -14.53
N LYS C 60 0.11 -16.78 -15.06
CA LYS C 60 0.44 -16.90 -16.47
C LYS C 60 -0.79 -16.63 -17.34
N ARG C 61 -1.97 -16.73 -16.74
CA ARG C 61 -3.20 -16.52 -17.50
C ARG C 61 -3.74 -15.12 -17.28
N VAL C 62 -3.05 -14.32 -16.48
CA VAL C 62 -3.39 -12.91 -16.35
C VAL C 62 -2.89 -12.19 -17.61
N PRO C 63 -3.82 -11.67 -18.43
CA PRO C 63 -3.45 -11.02 -19.69
C PRO C 63 -2.32 -10.00 -19.49
N GLY C 64 -1.28 -10.09 -20.31
CA GLY C 64 -0.12 -9.23 -20.17
C GLY C 64 1.08 -9.87 -19.45
N PHE C 65 0.81 -10.69 -18.45
CA PHE C 65 1.88 -11.25 -17.61
C PHE C 65 2.93 -12.03 -18.41
N VAL C 66 2.51 -12.92 -19.29
CA VAL C 66 3.50 -13.71 -20.04
C VAL C 66 4.23 -12.93 -21.12
N ASP C 67 3.78 -11.71 -21.40
CA ASP C 67 4.53 -10.84 -22.32
C ASP C 67 5.81 -10.34 -21.66
N LEU C 68 5.91 -10.48 -20.34
CA LEU C 68 7.06 -9.99 -19.58
C LEU C 68 8.21 -11.00 -19.57
N THR C 69 9.43 -10.51 -19.35
CA THR C 69 10.56 -11.41 -19.21
C THR C 69 10.35 -12.31 -18.01
N LEU C 70 10.95 -13.49 -18.03
CA LEU C 70 10.89 -14.37 -16.86
C LEU C 70 11.42 -13.65 -15.63
N HIS C 71 12.48 -12.86 -15.83
CA HIS C 71 13.08 -12.11 -14.72
C HIS C 71 12.04 -11.19 -14.07
N ASP C 72 11.22 -10.55 -14.89
CA ASP C 72 10.20 -9.64 -14.37
C ASP C 72 8.97 -10.35 -13.78
N GLN C 73 8.55 -11.46 -14.39
CA GLN C 73 7.48 -12.29 -13.81
C GLN C 73 7.87 -12.74 -12.40
N VAL C 74 9.11 -13.19 -12.25
CA VAL C 74 9.60 -13.67 -10.97
C VAL C 74 9.51 -12.54 -9.95
N HIS C 75 10.01 -11.37 -10.32
CA HIS C 75 9.98 -10.21 -9.44
C HIS C 75 8.57 -9.83 -9.00
N LEU C 76 7.63 -9.84 -9.94
CA LEU C 76 6.27 -9.47 -9.59
C LEU C 76 5.65 -10.44 -8.58
N LEU C 77 5.92 -11.73 -8.76
CA LEU C 77 5.35 -12.72 -7.87
C LEU C 77 6.01 -12.70 -6.49
N GLU C 78 7.32 -12.46 -6.47
CA GLU C 78 8.03 -12.37 -5.19
C GLU C 78 7.48 -11.21 -4.41
N CYS C 79 7.18 -10.11 -5.10
CA CYS C 79 6.66 -8.93 -4.42
C CYS C 79 5.23 -9.12 -3.94
N ALA C 80 4.43 -9.83 -4.71
CA ALA C 80 2.99 -9.81 -4.50
C ALA C 80 2.40 -11.07 -3.88
N TRP C 81 3.18 -12.12 -3.70
CA TRP C 81 2.57 -13.41 -3.34
C TRP C 81 1.69 -13.37 -2.07
N LEU C 82 2.13 -12.64 -1.03
CA LEU C 82 1.36 -12.63 0.22
C LEU C 82 0.13 -11.72 0.08
N GLU C 83 0.27 -10.61 -0.63
CA GLU C 83 -0.88 -9.77 -0.91
C GLU C 83 -1.96 -10.60 -1.60
N ILE C 84 -1.53 -11.39 -2.58
CA ILE C 84 -2.45 -12.21 -3.34
C ILE C 84 -3.09 -13.31 -2.50
N LEU C 85 -2.30 -14.04 -1.72
CA LEU C 85 -2.89 -15.00 -0.78
C LEU C 85 -3.88 -14.32 0.14
N MET C 86 -3.50 -13.15 0.66
CA MET C 86 -4.32 -12.44 1.62
C MET C 86 -5.64 -11.95 1.03
N ILE C 87 -5.59 -11.28 -0.11
CA ILE C 87 -6.84 -10.84 -0.71
C ILE C 87 -7.76 -12.04 -1.00
N GLY C 88 -7.20 -13.17 -1.43
CA GLY C 88 -8.02 -14.35 -1.69
C GLY C 88 -8.68 -14.84 -0.41
N LEU C 89 -7.92 -14.83 0.67
CA LEU C 89 -8.42 -15.21 1.99
C LEU C 89 -9.57 -14.29 2.38
N VAL C 90 -9.35 -12.99 2.26
CA VAL C 90 -10.41 -12.03 2.62
C VAL C 90 -11.67 -12.23 1.76
N TRP C 91 -11.47 -12.55 0.48
CA TRP C 91 -12.59 -12.79 -0.42
C TRP C 91 -13.37 -14.04 0.02
N ARG C 92 -12.63 -15.10 0.33
CA ARG C 92 -13.23 -16.36 0.77
C ARG C 92 -13.97 -16.18 2.09
N SER C 93 -13.63 -15.13 2.82
CA SER C 93 -14.13 -14.93 4.17
C SER C 93 -15.31 -13.97 4.28
N MET C 94 -15.63 -13.29 3.17
CA MET C 94 -16.68 -12.29 3.14
C MET C 94 -17.96 -12.69 3.84
N GLU C 95 -18.47 -13.87 3.52
CA GLU C 95 -19.76 -14.33 4.04
CA GLU C 95 -19.76 -14.33 4.04
C GLU C 95 -19.61 -15.07 5.37
N HIS C 96 -18.46 -14.89 6.02
CA HIS C 96 -18.22 -15.51 7.33
C HIS C 96 -17.75 -14.47 8.34
N PRO C 97 -18.65 -13.57 8.75
CA PRO C 97 -18.37 -12.48 9.70
C PRO C 97 -17.64 -12.97 10.94
N GLY C 98 -16.56 -12.28 11.31
CA GLY C 98 -15.81 -12.61 12.50
C GLY C 98 -14.85 -13.79 12.33
N LYS C 99 -14.81 -14.34 11.12
CA LYS C 99 -14.00 -15.52 10.86
C LYS C 99 -13.20 -15.40 9.57
N LEU C 100 -12.08 -16.10 9.54
CA LEU C 100 -11.28 -16.20 8.33
C LEU C 100 -11.35 -17.62 7.83
N LEU C 101 -11.82 -17.76 6.60
CA LEU C 101 -11.96 -19.07 5.99
C LEU C 101 -10.71 -19.42 5.22
N PHE C 102 -9.72 -19.95 5.93
CA PHE C 102 -8.48 -20.33 5.25
C PHE C 102 -8.73 -21.46 4.26
N ALA C 103 -9.63 -22.36 4.64
CA ALA C 103 -10.00 -23.48 3.81
C ALA C 103 -11.41 -23.84 4.21
N PRO C 104 -12.13 -24.55 3.34
CA PRO C 104 -13.50 -24.95 3.66
C PRO C 104 -13.55 -25.72 4.98
N ASN C 105 -12.46 -26.39 5.34
CA ASN C 105 -12.39 -27.14 6.59
C ASN C 105 -11.55 -26.43 7.67
N LEU C 106 -11.26 -25.16 7.46
CA LEU C 106 -10.44 -24.39 8.40
C LEU C 106 -10.93 -22.96 8.55
N LEU C 107 -11.85 -22.74 9.46
CA LEU C 107 -12.33 -21.38 9.76
C LEU C 107 -11.87 -20.96 11.13
N LEU C 108 -11.09 -19.89 11.18
CA LEU C 108 -10.55 -19.41 12.43
C LEU C 108 -11.13 -18.07 12.82
N ASP C 109 -11.34 -17.86 14.11
CA ASP C 109 -11.78 -16.56 14.59
C ASP C 109 -10.61 -15.85 15.25
N ARG C 110 -10.83 -14.60 15.67
CA ARG C 110 -9.79 -13.80 16.30
C ARG C 110 -9.08 -14.58 17.42
N ASN C 111 -9.84 -15.38 18.15
CA ASN C 111 -9.33 -16.13 19.30
C ASN C 111 -8.38 -17.27 18.91
N GLN C 112 -7.80 -17.17 17.73
CA GLN C 112 -6.85 -18.17 17.25
C GLN C 112 -5.81 -17.54 16.33
N VAL C 116 -2.47 -17.57 19.18
CA VAL C 116 -1.43 -17.92 18.22
C VAL C 116 -0.12 -17.18 18.47
N GLU C 117 -0.17 -16.14 19.30
CA GLU C 117 1.00 -15.32 19.62
C GLU C 117 1.32 -14.39 18.46
N GLY C 118 1.17 -13.08 18.71
CA GLY C 118 1.18 -12.11 17.63
C GLY C 118 0.06 -12.48 16.68
N MET C 119 0.16 -12.04 15.43
CA MET C 119 -0.77 -12.50 14.41
C MET C 119 -2.23 -12.04 14.62
N VAL C 120 -2.65 -11.91 15.87
CA VAL C 120 -4.00 -11.43 16.14
C VAL C 120 -4.20 -10.05 15.52
N GLU C 121 -3.17 -9.21 15.59
CA GLU C 121 -3.22 -7.90 14.93
C GLU C 121 -3.50 -8.05 13.44
N ILE C 122 -2.80 -8.98 12.82
CA ILE C 122 -2.97 -9.20 11.38
C ILE C 122 -4.33 -9.82 11.08
N PHE C 123 -4.72 -10.82 11.87
CA PHE C 123 -6.07 -11.39 11.78
C PHE C 123 -7.09 -10.27 11.82
N ASP C 124 -6.93 -9.35 12.76
CA ASP C 124 -7.92 -8.29 12.94
C ASP C 124 -8.02 -7.43 11.70
N MET C 125 -6.88 -7.11 11.11
CA MET C 125 -6.84 -6.34 9.86
C MET C 125 -7.50 -7.09 8.72
N LEU C 126 -7.25 -8.39 8.64
CA LEU C 126 -7.85 -9.22 7.60
C LEU C 126 -9.38 -9.28 7.80
N LEU C 127 -9.80 -9.39 9.06
CA LEU C 127 -11.23 -9.33 9.37
C LEU C 127 -11.89 -8.00 8.95
N ALA C 128 -11.24 -6.89 9.27
CA ALA C 128 -11.72 -5.57 8.88
C ALA C 128 -11.85 -5.48 7.37
N THR C 129 -10.86 -6.00 6.64
CA THR C 129 -10.87 -5.92 5.17
C THR C 129 -12.02 -6.76 4.62
N SER C 130 -12.25 -7.90 5.26
CA SER C 130 -13.34 -8.77 4.85
C SER C 130 -14.67 -8.07 5.11
N SER C 131 -14.81 -7.45 6.28
CA SER C 131 -16.02 -6.71 6.59
C SER C 131 -16.21 -5.61 5.57
N ARG C 132 -15.10 -5.01 5.17
CA ARG C 132 -15.14 -3.91 4.21
C ARG C 132 -15.71 -4.40 2.88
N PHE C 133 -15.15 -5.47 2.35
CA PHE C 133 -15.69 -6.09 1.13
C PHE C 133 -17.19 -6.35 1.23
N ARG C 134 -17.61 -6.91 2.37
CA ARG C 134 -19.00 -7.27 2.59
C ARG C 134 -19.92 -6.04 2.51
N MET C 135 -19.56 -4.99 3.23
CA MET C 135 -20.30 -3.73 3.23
C MET C 135 -20.40 -3.12 1.83
N MET C 136 -19.34 -3.26 1.03
CA MET C 136 -19.34 -2.77 -0.34
C MET C 136 -20.05 -3.72 -1.27
N ASN C 137 -20.39 -4.90 -0.76
CA ASN C 137 -20.93 -5.95 -1.60
C ASN C 137 -20.02 -6.21 -2.81
N LEU C 138 -18.73 -6.38 -2.54
CA LEU C 138 -17.74 -6.62 -3.60
C LEU C 138 -18.15 -7.80 -4.49
N GLN C 139 -18.07 -7.61 -5.81
CA GLN C 139 -18.45 -8.66 -6.75
C GLN C 139 -17.24 -9.50 -7.19
N GLY C 140 -17.48 -10.76 -7.55
CA GLY C 140 -16.41 -11.64 -7.97
C GLY C 140 -15.63 -11.06 -9.15
N GLU C 141 -16.37 -10.46 -10.08
CA GLU C 141 -15.76 -9.83 -11.25
C GLU C 141 -14.81 -8.72 -10.84
N GLU C 142 -15.18 -7.98 -9.80
CA GLU C 142 -14.33 -6.92 -9.27
C GLU C 142 -13.12 -7.51 -8.56
N PHE C 143 -13.35 -8.55 -7.76
CA PHE C 143 -12.28 -9.22 -7.05
C PHE C 143 -11.16 -9.67 -8.01
N VAL C 144 -11.51 -10.37 -9.09
CA VAL C 144 -10.46 -10.88 -9.97
C VAL C 144 -9.69 -9.74 -10.65
N CYS C 145 -10.35 -8.61 -10.89
CA CYS C 145 -9.64 -7.42 -11.38
C CYS C 145 -8.64 -6.90 -10.36
N LEU C 146 -9.10 -6.78 -9.11
CA LEU C 146 -8.27 -6.30 -8.03
C LEU C 146 -7.04 -7.16 -7.84
N LYS C 147 -7.19 -8.46 -8.00
CA LYS C 147 -6.11 -9.40 -7.76
C LYS C 147 -5.06 -9.29 -8.86
N SER C 148 -5.51 -9.11 -10.11
CA SER C 148 -4.59 -8.93 -11.23
CA SER C 148 -4.60 -8.93 -11.23
C SER C 148 -3.84 -7.60 -11.11
N ILE C 149 -4.53 -6.58 -10.61
CA ILE C 149 -3.89 -5.28 -10.40
C ILE C 149 -2.73 -5.42 -9.40
N ILE C 150 -2.97 -6.12 -8.31
CA ILE C 150 -1.93 -6.34 -7.30
C ILE C 150 -0.71 -7.00 -7.94
N LEU C 151 -0.95 -8.06 -8.69
CA LEU C 151 0.13 -8.79 -9.34
C LEU C 151 1.05 -7.89 -10.17
N LEU C 152 0.42 -7.04 -10.99
CA LEU C 152 1.15 -6.20 -11.93
C LEU C 152 1.71 -4.96 -11.26
N ASN C 153 1.00 -4.45 -10.26
CA ASN C 153 1.37 -3.16 -9.66
C ASN C 153 2.36 -3.21 -8.49
N SER C 154 2.32 -4.28 -7.70
CA SER C 154 3.02 -4.25 -6.42
C SER C 154 4.54 -4.16 -6.56
N GLY C 155 5.09 -4.73 -7.62
CA GLY C 155 6.53 -4.71 -7.83
C GLY C 155 6.99 -3.75 -8.91
N VAL C 156 6.04 -3.08 -9.56
CA VAL C 156 6.34 -2.26 -10.74
C VAL C 156 7.34 -1.12 -10.49
N TYR C 157 7.50 -0.71 -9.24
CA TYR C 157 8.36 0.43 -8.93
C TYR C 157 9.65 0.01 -8.21
N THR C 158 10.01 -1.25 -8.30
CA THR C 158 11.22 -1.74 -7.64
C THR C 158 12.03 -2.72 -8.49
N PHE C 159 11.93 -2.59 -9.81
CA PHE C 159 12.78 -3.35 -10.71
C PHE C 159 14.24 -2.92 -10.52
N SER C 166 15.80 -1.99 -20.83
CA SER C 166 14.46 -1.54 -21.16
C SER C 166 13.56 -1.33 -19.95
N LEU C 167 13.02 -0.11 -19.84
CA LEU C 167 11.88 0.13 -18.96
C LEU C 167 10.61 0.25 -19.80
N GLU C 168 10.71 -0.18 -21.06
CA GLU C 168 9.54 -0.38 -21.90
C GLU C 168 8.62 -1.42 -21.26
N GLU C 169 9.22 -2.41 -20.61
CA GLU C 169 8.47 -3.44 -19.90
C GLU C 169 7.48 -2.77 -18.95
N LYS C 170 7.97 -1.74 -18.26
CA LYS C 170 7.16 -1.00 -17.30
C LYS C 170 5.99 -0.30 -17.99
N ASP C 171 6.22 0.21 -19.19
CA ASP C 171 5.17 0.88 -19.95
C ASP C 171 4.04 -0.10 -20.31
N HIS C 172 4.42 -1.27 -20.80
CA HIS C 172 3.45 -2.30 -21.08
C HIS C 172 2.58 -2.62 -19.86
N ILE C 173 3.21 -2.73 -18.68
CA ILE C 173 2.48 -3.03 -17.46
C ILE C 173 1.46 -1.94 -17.16
N HIS C 174 1.88 -0.69 -17.36
CA HIS C 174 1.00 0.45 -17.10
C HIS C 174 -0.19 0.45 -18.06
N ARG C 175 0.05 0.06 -19.32
CA ARG C 175 -1.02 -0.06 -20.30
C ARG C 175 -2.03 -1.13 -19.90
N VAL C 176 -1.54 -2.30 -19.50
CA VAL C 176 -2.42 -3.36 -19.06
C VAL C 176 -3.22 -2.91 -17.84
N LEU C 177 -2.53 -2.27 -16.91
CA LEU C 177 -3.17 -1.73 -15.72
C LEU C 177 -4.31 -0.77 -16.07
N ASP C 178 -4.09 0.09 -17.05
CA ASP C 178 -5.12 1.01 -17.48
C ASP C 178 -6.30 0.25 -18.06
N LYS C 179 -6.02 -0.85 -18.75
CA LYS C 179 -7.07 -1.68 -19.32
C LYS C 179 -7.93 -2.24 -18.21
N ILE C 180 -7.29 -2.64 -17.11
CA ILE C 180 -8.04 -3.22 -15.98
C ILE C 180 -8.92 -2.18 -15.30
N THR C 181 -8.45 -0.94 -15.24
CA THR C 181 -9.28 0.15 -14.74
C THR C 181 -10.51 0.31 -15.63
N ASP C 182 -10.29 0.30 -16.94
CA ASP C 182 -11.37 0.37 -17.92
C ASP C 182 -12.39 -0.74 -17.64
N THR C 183 -11.88 -1.95 -17.44
CA THR C 183 -12.74 -3.10 -17.17
C THR C 183 -13.58 -2.90 -15.89
N LEU C 184 -12.93 -2.47 -14.80
CA LEU C 184 -13.64 -2.17 -13.56
C LEU C 184 -14.76 -1.15 -13.76
N ILE C 185 -14.43 -0.03 -14.39
CA ILE C 185 -15.44 0.99 -14.70
C ILE C 185 -16.58 0.37 -15.50
N HIS C 186 -16.24 -0.41 -16.54
CA HIS C 186 -17.23 -1.11 -17.36
C HIS C 186 -18.20 -1.95 -16.54
N LEU C 187 -17.66 -2.72 -15.59
CA LEU C 187 -18.47 -3.53 -14.70
C LEU C 187 -19.45 -2.69 -13.89
N MET C 188 -18.95 -1.60 -13.33
CA MET C 188 -19.76 -0.74 -12.49
C MET C 188 -20.85 -0.04 -13.29
N ALA C 189 -20.52 0.42 -14.49
CA ALA C 189 -21.51 1.03 -15.37
C ALA C 189 -22.62 0.01 -15.64
N LYS C 190 -22.21 -1.22 -15.94
CA LYS C 190 -23.17 -2.26 -16.27
C LYS C 190 -24.03 -2.59 -15.06
N ALA C 191 -23.55 -2.26 -13.86
CA ALA C 191 -24.32 -2.48 -12.63
C ALA C 191 -25.32 -1.36 -12.32
N GLY C 192 -25.35 -0.32 -13.15
CA GLY C 192 -26.30 0.76 -12.96
C GLY C 192 -25.81 1.95 -12.12
N LEU C 193 -24.51 1.94 -11.81
CA LEU C 193 -23.92 3.04 -11.06
C LEU C 193 -23.82 4.32 -11.90
N THR C 194 -24.17 5.44 -11.28
CA THR C 194 -23.93 6.74 -11.91
C THR C 194 -22.43 6.91 -12.07
N LEU C 195 -22.05 7.87 -12.90
CA LEU C 195 -20.63 8.16 -13.12
C LEU C 195 -19.92 8.54 -11.80
N GLN C 196 -20.56 9.41 -11.02
CA GLN C 196 -20.02 9.76 -9.71
C GLN C 196 -19.81 8.51 -8.87
N GLN C 197 -20.77 7.59 -8.95
CA GLN C 197 -20.75 6.35 -8.16
C GLN C 197 -19.63 5.42 -8.60
N GLN C 198 -19.43 5.36 -9.92
CA GLN C 198 -18.36 4.54 -10.48
C GLN C 198 -17.00 5.00 -10.00
N HIS C 199 -16.76 6.31 -10.08
CA HIS C 199 -15.47 6.87 -9.69
C HIS C 199 -15.22 6.68 -8.22
N GLN C 200 -16.26 6.87 -7.42
CA GLN C 200 -16.17 6.70 -5.97
C GLN C 200 -15.86 5.26 -5.63
N ARG C 201 -16.55 4.32 -6.30
CA ARG C 201 -16.34 2.92 -5.98
C ARG C 201 -14.98 2.44 -6.43
N LEU C 202 -14.55 2.90 -7.60
CA LEU C 202 -13.21 2.63 -8.09
C LEU C 202 -12.19 3.05 -7.04
N ALA C 203 -12.33 4.25 -6.51
CA ALA C 203 -11.38 4.72 -5.52
C ALA C 203 -11.43 3.87 -4.25
N GLN C 204 -12.65 3.55 -3.80
CA GLN C 204 -12.82 2.75 -2.59
C GLN C 204 -12.08 1.43 -2.73
N LEU C 205 -12.24 0.80 -3.90
CA LEU C 205 -11.60 -0.46 -4.17
C LEU C 205 -10.07 -0.35 -4.19
N LEU C 206 -9.55 0.69 -4.85
CA LEU C 206 -8.12 0.88 -4.96
C LEU C 206 -7.45 1.24 -3.63
N LEU C 207 -8.14 1.98 -2.77
CA LEU C 207 -7.61 2.30 -1.45
C LEU C 207 -7.47 1.04 -0.58
N ILE C 208 -8.33 0.06 -0.82
CA ILE C 208 -8.23 -1.19 -0.08
C ILE C 208 -6.89 -1.88 -0.38
N LEU C 209 -6.35 -1.64 -1.58
CA LEU C 209 -5.07 -2.22 -1.95
C LEU C 209 -3.90 -1.69 -1.12
N SER C 210 -4.02 -0.45 -0.65
CA SER C 210 -3.03 0.07 0.28
C SER C 210 -3.05 -0.75 1.58
N HIS C 211 -4.25 -1.06 2.07
CA HIS C 211 -4.40 -1.85 3.29
C HIS C 211 -3.91 -3.27 3.07
N ILE C 212 -4.17 -3.82 1.90
CA ILE C 212 -3.64 -5.14 1.60
C ILE C 212 -2.10 -5.15 1.58
N ARG C 213 -1.52 -4.10 1.02
CA ARG C 213 -0.06 -3.95 1.04
C ARG C 213 0.46 -3.90 2.47
N HIS C 214 -0.23 -3.14 3.32
CA HIS C 214 0.16 -3.01 4.72
C HIS C 214 0.17 -4.37 5.41
N MET C 215 -0.91 -5.12 5.25
CA MET C 215 -1.04 -6.43 5.89
C MET C 215 0.05 -7.36 5.40
N SER C 216 0.33 -7.32 4.11
CA SER C 216 1.41 -8.13 3.55
C SER C 216 2.74 -7.77 4.20
N ASN C 217 3.08 -6.48 4.23
CA ASN C 217 4.32 -6.02 4.88
C ASN C 217 4.43 -6.48 6.33
N LYS C 218 3.34 -6.34 7.08
CA LYS C 218 3.38 -6.76 8.47
C LYS C 218 3.47 -8.28 8.59
N GLY C 219 2.85 -9.01 7.67
CA GLY C 219 2.93 -10.46 7.70
C GLY C 219 4.34 -10.95 7.39
N MET C 220 4.95 -10.31 6.39
CA MET C 220 6.29 -10.66 5.98
C MET C 220 7.27 -10.54 7.16
N GLU C 221 7.09 -9.49 7.96
CA GLU C 221 7.91 -9.32 9.14
C GLU C 221 7.65 -10.43 10.16
N HIS C 222 6.38 -10.74 10.39
CA HIS C 222 6.04 -11.80 11.34
C HIS C 222 6.61 -13.15 10.89
N LEU C 223 6.58 -13.39 9.59
CA LEU C 223 7.09 -14.65 9.05
C LEU C 223 8.59 -14.79 9.21
N TYR C 224 9.30 -13.67 9.13
CA TYR C 224 10.74 -13.68 9.34
C TYR C 224 11.09 -14.14 10.75
N SER C 225 10.32 -13.68 11.73
CA SER C 225 10.53 -14.09 13.12
C SER C 225 10.30 -15.59 13.28
N MET C 226 9.26 -16.07 12.61
CA MET C 226 8.88 -17.47 12.69
C MET C 226 9.98 -18.36 12.13
N LYS C 227 10.52 -17.95 10.98
CA LYS C 227 11.64 -18.65 10.38
C LYS C 227 12.81 -18.76 11.35
N CYS C 228 13.32 -17.59 11.77
CA CYS C 228 14.44 -17.53 12.68
C CYS C 228 14.17 -18.35 13.94
N LYS C 229 12.92 -18.31 14.38
CA LYS C 229 12.50 -19.12 15.51
C LYS C 229 12.64 -20.59 15.16
N ASN C 230 12.59 -20.88 13.86
CA ASN C 230 12.74 -22.24 13.36
C ASN C 230 11.96 -23.26 14.17
N VAL C 231 10.65 -23.08 14.21
CA VAL C 231 9.77 -24.05 14.85
C VAL C 231 8.66 -24.44 13.89
N VAL C 232 7.99 -23.43 13.35
CA VAL C 232 6.95 -23.66 12.35
C VAL C 232 7.59 -23.99 11.01
N PRO C 233 7.21 -25.15 10.43
CA PRO C 233 7.77 -25.60 9.15
C PRO C 233 7.51 -24.60 8.02
N LEU C 234 8.45 -24.55 7.07
CA LEU C 234 8.36 -23.68 5.91
C LEU C 234 8.97 -24.38 4.72
N SER C 235 8.23 -24.46 3.63
CA SER C 235 8.70 -25.14 2.44
C SER C 235 9.83 -24.36 1.80
N ASP C 236 10.61 -25.03 0.96
CA ASP C 236 11.74 -24.42 0.27
C ASP C 236 11.33 -23.18 -0.52
N LEU C 237 10.21 -23.29 -1.23
CA LEU C 237 9.68 -22.19 -2.04
C LEU C 237 9.28 -21.01 -1.16
N LEU C 238 8.66 -21.29 -0.02
CA LEU C 238 8.28 -20.22 0.88
C LEU C 238 9.50 -19.50 1.46
N LEU C 239 10.55 -20.26 1.78
CA LEU C 239 11.76 -19.66 2.28
C LEU C 239 12.32 -18.73 1.21
N GLU C 240 12.31 -19.21 -0.04
CA GLU C 240 12.83 -18.43 -1.15
C GLU C 240 12.01 -17.18 -1.40
N MET C 241 10.69 -17.30 -1.34
CA MET C 241 9.80 -16.16 -1.54
C MET C 241 10.03 -15.13 -0.44
N LEU C 242 10.27 -15.62 0.77
CA LEU C 242 10.51 -14.72 1.89
C LEU C 242 11.84 -13.97 1.73
N ASP C 243 12.89 -14.70 1.38
CA ASP C 243 14.21 -14.11 1.23
CA ASP C 243 14.21 -14.11 1.23
C ASP C 243 14.17 -12.88 0.30
N ALA C 244 13.37 -12.98 -0.76
CA ALA C 244 13.24 -11.90 -1.74
C ALA C 244 12.90 -10.54 -1.11
N HIS C 245 12.09 -10.54 -0.06
CA HIS C 245 11.75 -9.30 0.64
C HIS C 245 12.81 -8.88 1.65
N ARG C 246 13.87 -9.68 1.77
CA ARG C 246 14.94 -9.38 2.71
C ARG C 246 16.31 -9.60 2.10
N LYS D 2 16.49 -21.09 -8.94
CA LYS D 2 15.35 -20.53 -8.22
C LYS D 2 14.06 -21.30 -8.51
N ILE D 3 13.38 -21.77 -7.47
CA ILE D 3 12.18 -22.57 -7.68
C ILE D 3 11.15 -21.81 -8.49
N LEU D 4 10.85 -20.58 -8.05
CA LEU D 4 9.84 -19.77 -8.73
C LEU D 4 10.20 -19.59 -10.20
N HIS D 5 11.45 -19.30 -10.48
CA HIS D 5 11.91 -19.17 -11.86
C HIS D 5 11.64 -20.46 -12.65
N ARG D 6 11.93 -21.60 -12.04
CA ARG D 6 11.74 -22.88 -12.70
C ARG D 6 10.26 -23.12 -13.02
N LEU D 7 9.42 -22.93 -12.01
CA LEU D 7 7.98 -23.16 -12.16
C LEU D 7 7.36 -22.26 -13.22
N LEU D 8 7.86 -21.03 -13.30
CA LEU D 8 7.38 -20.06 -14.30
C LEU D 8 7.67 -20.49 -15.72
N GLN D 9 8.82 -21.12 -15.95
CA GLN D 9 9.14 -21.61 -17.30
C GLN D 9 8.81 -23.08 -17.45
N ASP D 10 7.57 -23.38 -17.84
CA ASP D 10 7.12 -24.76 -17.96
C ASP D 10 7.43 -25.52 -16.68
C01 1GU E . 12.57 9.24 12.49
C02 1GU E . 12.23 10.17 11.46
C03 1GU E . 12.93 10.05 10.07
C04 1GU E . 11.95 10.10 8.84
N05 1GU E . 12.49 9.49 7.58
N06 1GU E . 13.07 8.19 7.52
C07 1GU E . 13.51 7.96 6.18
C08 1GU E . 14.17 6.80 5.59
C09 1GU E . 14.42 5.60 6.56
F10 1GU E . 15.28 5.96 7.57
F11 1GU E . 14.91 4.53 5.84
F12 1GU E . 13.22 5.24 7.14
C13 1GU E . 14.51 6.78 4.18
C14 1GU E . 14.21 7.96 3.34
C15 1GU E . 13.55 9.13 3.93
C16 1GU E . 13.20 9.11 5.37
C17 1GU E . 12.56 10.08 6.31
C18 1GU E . 12.06 11.40 5.97
C19 1GU E . 11.12 11.54 4.87
C20 1GU E . 10.61 12.85 4.52
C21 1GU E . 11.05 14.01 5.30
O22 1GU E . 10.55 15.29 4.94
C23 1GU E . 12.00 13.87 6.41
C24 1GU E . 12.51 12.54 6.74
O25 1GU E . 13.44 12.34 7.82
C01 1GU F . 4.77 -18.85 5.07
C02 1GU F . 3.46 -18.69 4.53
C03 1GU F . 2.32 -18.10 5.42
C04 1GU F . 1.27 -17.17 4.71
N05 1GU F . 0.40 -16.44 5.66
N06 1GU F . 0.88 -15.73 6.79
C07 1GU F . -0.23 -15.17 7.49
C08 1GU F . -0.27 -14.35 8.71
C09 1GU F . 1.08 -13.99 9.41
F10 1GU F . 0.86 -12.99 10.32
F11 1GU F . 2.00 -13.54 8.45
F12 1GU F . 1.59 -15.11 10.05
C13 1GU F . -1.56 -13.89 9.21
C14 1GU F . -2.80 -14.24 8.51
C15 1GU F . -2.74 -15.06 7.31
C16 1GU F . -1.43 -15.52 6.80
C17 1GU F . -1.00 -16.34 5.65
C18 1GU F . -1.91 -16.91 4.67
C19 1GU F . -2.84 -16.04 3.98
C20 1GU F . -3.73 -16.59 2.99
C21 1GU F . -3.68 -18.02 2.71
O22 1GU F . -4.57 -18.56 1.72
C23 1GU F . -2.75 -18.89 3.39
C24 1GU F . -1.85 -18.33 4.38
O25 1GU F . -0.91 -19.17 5.09
#